data_7LCZ
#
_entry.id   7LCZ
#
_cell.length_a   38.921
_cell.length_b   50.788
_cell.length_c   76.054
_cell.angle_alpha   103.516
_cell.angle_beta   101.899
_cell.angle_gamma   95.261
#
_symmetry.space_group_name_H-M   'P 1'
#
loop_
_entity.id
_entity.type
_entity.pdbx_description
1 polymer 'Isoform B of NAD(+) hydrolase sarm1'
2 non-polymer 'BETA-NICOTINAMIDE RIBOSE MONOPHOSPHATE'
3 non-polymer 1,2-ETHANEDIOL
4 non-polymer 'SODIUM ION'
5 water water
#
_entity_poly.entity_id   1
_entity_poly.type   'polypeptide(L)'
_entity_poly.pdbx_seq_one_letter_code
;KSQYLEKINEVIRRAWAVPTHGHELGYSLCNSLRQSGGLDLLMKNCVKPDLQFSSAQLLEQCLTTENRKHVVDNGLDKVV
NVACVCTKNSNMEHSRVGTGILEHLFKHSEGTCSDVIRLGGLDAVLFECRTSDLETLRHCASALANLSLYGGAENQEEMI
LRKVPMWLFPLAFHNDDNIKYYACLAIAVLVANKEIEAEVLKSGCLDLVEPFVTSHDPSAFARSNLAHAHGQSKHWLKRL
VPVLSSNREEARNLAAFHFCMEAGIKREQGNTDIFREINAIEALKNVASCPNAIASKFAAQALRLIGET
;
_entity_poly.pdbx_strand_id   A,B
#
# COMPACT_ATOMS: atom_id res chain seq x y z
N LEU A 5 13.00 22.23 -3.76
CA LEU A 5 14.33 22.38 -3.17
C LEU A 5 15.38 21.69 -4.03
N GLU A 6 16.41 22.43 -4.41
CA GLU A 6 17.42 21.87 -5.32
C GLU A 6 18.23 20.77 -4.65
N LYS A 7 18.44 20.85 -3.33
CA LYS A 7 19.32 19.89 -2.67
C LYS A 7 18.67 18.52 -2.54
N ILE A 8 17.38 18.47 -2.20
CA ILE A 8 16.69 17.18 -2.15
C ILE A 8 16.54 16.62 -3.56
N ASN A 9 16.23 17.48 -4.54
CA ASN A 9 16.08 17.01 -5.90
C ASN A 9 17.36 16.35 -6.40
N GLU A 10 18.51 16.92 -6.03
CA GLU A 10 19.78 16.32 -6.46
C GLU A 10 20.10 15.05 -5.68
N VAL A 11 19.70 14.98 -4.41
CA VAL A 11 19.94 13.77 -3.64
C VAL A 11 19.19 12.59 -4.25
N ILE A 12 17.93 12.81 -4.62
CA ILE A 12 17.13 11.70 -5.13
C ILE A 12 17.59 11.29 -6.52
N ARG A 13 17.96 12.26 -7.36
CA ARG A 13 18.47 11.91 -8.69
C ARG A 13 19.78 11.15 -8.59
N ARG A 14 20.69 11.60 -7.73
CA ARG A 14 21.93 10.86 -7.51
C ARG A 14 21.64 9.45 -7.00
N ALA A 15 20.64 9.32 -6.13
CA ALA A 15 20.29 8.01 -5.60
C ALA A 15 19.79 7.10 -6.71
N TRP A 16 18.83 7.57 -7.51
CA TRP A 16 18.33 6.77 -8.62
C TRP A 16 19.45 6.33 -9.55
N ALA A 17 20.48 7.18 -9.72
CA ALA A 17 21.51 6.91 -10.71
C ALA A 17 22.46 5.79 -10.30
N VAL A 18 22.49 5.41 -9.02
CA VAL A 18 23.40 4.37 -8.56
C VAL A 18 23.00 3.05 -9.22
N PRO A 19 23.87 2.44 -10.03
CA PRO A 19 23.52 1.15 -10.62
C PRO A 19 23.27 0.11 -9.54
N THR A 20 22.29 -0.76 -9.80
CA THR A 20 21.93 -1.85 -8.89
C THR A 20 21.27 -1.32 -7.62
N HIS A 21 22.00 -0.54 -6.82
CA HIS A 21 21.48 -0.11 -5.53
C HIS A 21 20.46 1.02 -5.62
N GLY A 22 20.39 1.71 -6.76
CA GLY A 22 19.53 2.88 -6.86
C GLY A 22 18.06 2.60 -6.59
N HIS A 23 17.58 1.42 -6.97
CA HIS A 23 16.19 1.08 -6.72
C HIS A 23 15.86 1.16 -5.24
N GLU A 24 16.69 0.53 -4.40
CA GLU A 24 16.42 0.52 -2.97
C GLU A 24 16.67 1.88 -2.35
N LEU A 25 17.67 2.62 -2.82
CA LEU A 25 17.95 3.93 -2.25
C LEU A 25 16.84 4.92 -2.60
N GLY A 26 16.42 4.94 -3.87
CA GLY A 26 15.33 5.83 -4.26
C GLY A 26 14.02 5.47 -3.58
N TYR A 27 13.71 4.17 -3.51
CA TYR A 27 12.52 3.71 -2.79
C TYR A 27 12.49 4.28 -1.38
N SER A 28 13.62 4.16 -0.66
CA SER A 28 13.66 4.60 0.73
C SER A 28 13.53 6.11 0.86
N LEU A 29 14.26 6.85 0.02
CA LEU A 29 14.19 8.31 0.07
C LEU A 29 12.79 8.81 -0.25
N CYS A 30 12.12 8.18 -1.23
CA CYS A 30 10.78 8.60 -1.58
C CYS A 30 9.79 8.28 -0.48
N ASN A 31 9.97 7.16 0.23
CA ASN A 31 9.13 6.89 1.39
C ASN A 31 9.40 7.91 2.49
N SER A 32 10.66 8.29 2.68
CA SER A 32 10.98 9.29 3.68
C SER A 32 10.30 10.62 3.37
N LEU A 33 10.30 11.01 2.10
CA LEU A 33 9.63 12.25 1.70
C LEU A 33 8.15 12.22 2.08
N ARG A 34 7.51 11.06 1.91
CA ARG A 34 6.10 10.95 2.31
C ARG A 34 5.95 11.00 3.82
N GLN A 35 6.74 10.20 4.54
CA GLN A 35 6.56 10.09 5.98
C GLN A 35 6.91 11.38 6.71
N SER A 36 7.83 12.18 6.16
CA SER A 36 8.22 13.43 6.80
C SER A 36 7.22 14.55 6.55
N GLY A 37 6.21 14.32 5.73
CA GLY A 37 5.30 15.37 5.29
C GLY A 37 5.78 16.15 4.10
N GLY A 38 6.94 15.82 3.54
CA GLY A 38 7.43 16.54 2.37
C GLY A 38 6.57 16.36 1.15
N LEU A 39 6.04 15.14 0.94
CA LEU A 39 5.19 14.91 -0.21
C LEU A 39 3.91 15.74 -0.13
N ASP A 40 3.30 15.81 1.05
CA ASP A 40 2.12 16.64 1.21
C ASP A 40 2.44 18.10 0.94
N LEU A 41 3.62 18.56 1.35
CA LEU A 41 4.01 19.94 1.10
C LEU A 41 4.22 20.20 -0.39
N LEU A 42 4.84 19.25 -1.09
CA LEU A 42 4.98 19.37 -2.54
C LEU A 42 3.63 19.55 -3.21
N MET A 43 2.67 18.69 -2.86
CA MET A 43 1.36 18.76 -3.49
CA MET A 43 1.36 18.76 -3.49
C MET A 43 0.66 20.08 -3.18
N LYS A 44 0.88 20.63 -1.99
CA LYS A 44 0.29 21.93 -1.68
C LYS A 44 0.98 23.05 -2.43
N ASN A 45 2.31 22.93 -2.63
CA ASN A 45 3.04 23.96 -3.36
C ASN A 45 2.86 23.87 -4.86
N CYS A 46 2.38 22.74 -5.38
N CYS A 46 2.37 22.73 -5.38
CA CYS A 46 2.27 22.59 -6.83
CA CYS A 46 2.22 22.54 -6.82
C CYS A 46 1.12 23.40 -7.42
C CYS A 46 1.17 23.46 -7.43
N VAL A 47 0.33 24.10 -6.61
CA VAL A 47 -0.68 25.02 -7.10
C VAL A 47 -0.27 26.48 -6.87
N LYS A 48 0.90 26.70 -6.28
CA LYS A 48 1.39 28.05 -6.05
C LYS A 48 2.26 28.46 -7.23
N PRO A 49 1.85 29.43 -8.05
CA PRO A 49 2.58 29.71 -9.30
C PRO A 49 4.09 29.84 -9.16
N ASP A 50 4.58 30.44 -8.07
CA ASP A 50 6.02 30.63 -7.94
C ASP A 50 6.75 29.33 -7.63
N LEU A 51 6.05 28.37 -7.01
CA LEU A 51 6.65 27.11 -6.59
C LEU A 51 6.25 25.93 -7.46
N GLN A 52 5.50 26.16 -8.54
CA GLN A 52 4.93 25.05 -9.30
C GLN A 52 6.02 24.20 -9.95
N PHE A 53 6.94 24.83 -10.67
CA PHE A 53 7.89 24.05 -11.46
C PHE A 53 8.87 23.30 -10.57
N SER A 54 9.44 23.98 -9.57
N SER A 54 9.44 23.97 -9.57
CA SER A 54 10.35 23.30 -8.65
CA SER A 54 10.35 23.29 -8.66
C SER A 54 9.65 22.15 -7.95
C SER A 54 9.65 22.15 -7.95
N SER A 55 8.40 22.35 -7.54
CA SER A 55 7.64 21.28 -6.92
C SER A 55 7.42 20.14 -7.92
N ALA A 56 7.01 20.48 -9.14
CA ALA A 56 6.77 19.46 -10.15
C ALA A 56 8.05 18.71 -10.51
N GLN A 57 9.17 19.44 -10.56
CA GLN A 57 10.45 18.83 -10.88
C GLN A 57 10.77 17.70 -9.90
N LEU A 58 10.53 17.92 -8.62
CA LEU A 58 10.81 16.88 -7.62
C LEU A 58 9.77 15.78 -7.66
N LEU A 59 8.48 16.15 -7.75
CA LEU A 59 7.42 15.16 -7.82
C LEU A 59 7.69 14.12 -8.89
N GLU A 60 8.16 14.56 -10.07
CA GLU A 60 8.36 13.65 -11.18
C GLU A 60 9.32 12.52 -10.81
N GLN A 61 10.26 12.78 -9.90
CA GLN A 61 11.28 11.82 -9.50
C GLN A 61 10.87 10.96 -8.31
N CYS A 62 9.74 11.23 -7.67
CA CYS A 62 9.36 10.55 -6.44
CA CYS A 62 9.36 10.55 -6.44
C CYS A 62 8.02 9.84 -6.54
N LEU A 63 7.50 9.63 -7.76
CA LEU A 63 6.20 8.97 -7.93
C LEU A 63 6.39 7.46 -8.03
N THR A 64 6.97 6.91 -6.97
CA THR A 64 7.06 5.47 -6.80
C THR A 64 5.69 4.89 -6.47
N THR A 65 5.63 3.55 -6.43
CA THR A 65 4.35 2.86 -6.23
C THR A 65 3.61 3.41 -5.01
N GLU A 66 4.30 3.53 -3.88
CA GLU A 66 3.64 3.95 -2.65
C GLU A 66 3.30 5.44 -2.66
N ASN A 67 4.11 6.25 -3.34
CA ASN A 67 3.79 7.67 -3.45
C ASN A 67 2.70 7.93 -4.47
N ARG A 68 2.59 7.09 -5.50
CA ARG A 68 1.45 7.20 -6.41
C ARG A 68 0.14 6.99 -5.65
N LYS A 69 0.11 6.00 -4.76
CA LYS A 69 -1.08 5.78 -3.94
C LYS A 69 -1.36 7.00 -3.06
N HIS A 70 -0.31 7.57 -2.47
CA HIS A 70 -0.50 8.73 -1.60
C HIS A 70 -1.07 9.90 -2.38
N VAL A 71 -0.57 10.13 -3.59
CA VAL A 71 -1.10 11.23 -4.41
C VAL A 71 -2.56 10.96 -4.78
N VAL A 72 -2.87 9.72 -5.17
CA VAL A 72 -4.25 9.40 -5.56
C VAL A 72 -5.20 9.68 -4.40
N ASP A 73 -4.76 9.38 -3.17
CA ASP A 73 -5.63 9.51 -2.01
C ASP A 73 -5.70 10.92 -1.44
N ASN A 74 -4.74 11.80 -1.76
CA ASN A 74 -4.64 13.09 -1.10
C ASN A 74 -4.64 14.31 -2.02
N GLY A 75 -4.38 14.14 -3.32
CA GLY A 75 -4.43 15.30 -4.21
C GLY A 75 -4.10 15.03 -5.66
N LEU A 76 -4.83 14.09 -6.27
CA LEU A 76 -4.56 13.77 -7.66
C LEU A 76 -4.86 14.94 -8.58
N ASP A 77 -5.97 15.65 -8.31
CA ASP A 77 -6.34 16.77 -9.17
C ASP A 77 -5.25 17.84 -9.23
N LYS A 78 -4.63 18.13 -8.09
CA LYS A 78 -3.57 19.15 -8.08
C LYS A 78 -2.35 18.71 -8.87
N VAL A 79 -1.97 17.44 -8.75
CA VAL A 79 -0.76 16.98 -9.43
C VAL A 79 -1.00 16.87 -10.92
N VAL A 80 -2.19 16.43 -11.33
CA VAL A 80 -2.49 16.39 -12.76
C VAL A 80 -2.46 17.79 -13.35
N ASN A 81 -2.95 18.78 -12.60
CA ASN A 81 -2.99 20.14 -13.11
C ASN A 81 -1.59 20.70 -13.31
N VAL A 82 -0.70 20.52 -12.32
CA VAL A 82 0.65 21.06 -12.48
C VAL A 82 1.35 20.38 -13.65
N ALA A 83 1.08 19.09 -13.87
CA ALA A 83 1.64 18.42 -15.04
C ALA A 83 1.13 19.05 -16.31
N CYS A 84 -0.17 19.35 -16.39
CA CYS A 84 -0.72 20.01 -17.56
C CYS A 84 -0.12 21.41 -17.74
N VAL A 85 -0.05 22.17 -16.65
CA VAL A 85 0.61 23.48 -16.70
C VAL A 85 1.99 23.38 -17.33
N CYS A 86 2.74 22.35 -16.95
CA CYS A 86 4.11 22.21 -17.44
C CYS A 86 4.16 21.93 -18.93
N THR A 87 3.13 21.25 -19.48
CA THR A 87 3.12 20.95 -20.91
C THR A 87 2.76 22.15 -21.76
N LYS A 88 2.22 23.21 -21.17
CA LYS A 88 1.88 24.43 -21.89
C LYS A 88 2.94 25.51 -21.76
N ASN A 89 4.01 25.25 -21.00
CA ASN A 89 5.11 26.18 -20.90
C ASN A 89 6.02 26.07 -22.11
N SER A 90 6.61 27.21 -22.50
CA SER A 90 7.48 27.25 -23.68
C SER A 90 8.78 26.50 -23.48
N ASN A 91 9.13 26.14 -22.25
CA ASN A 91 10.42 25.52 -21.96
C ASN A 91 10.33 24.01 -22.07
N MET A 92 11.31 23.41 -22.75
CA MET A 92 11.34 21.96 -22.87
C MET A 92 11.65 21.29 -21.53
N GLU A 93 12.37 21.99 -20.64
CA GLU A 93 12.55 21.47 -19.29
C GLU A 93 11.21 21.22 -18.61
N HIS A 94 10.24 22.10 -18.86
CA HIS A 94 8.92 21.95 -18.27
C HIS A 94 8.15 20.79 -18.91
N SER A 95 8.15 20.74 -20.25
CA SER A 95 7.41 19.69 -20.95
C SER A 95 7.86 18.31 -20.51
N ARG A 96 9.17 18.13 -20.34
CA ARG A 96 9.67 16.84 -19.89
C ARG A 96 9.15 16.50 -18.50
N VAL A 97 9.07 17.50 -17.62
CA VAL A 97 8.58 17.26 -16.26
C VAL A 97 7.11 16.89 -16.28
N GLY A 98 6.30 17.65 -17.03
CA GLY A 98 4.88 17.39 -17.07
C GLY A 98 4.54 16.03 -17.64
N THR A 99 5.15 15.67 -18.77
CA THR A 99 4.90 14.37 -19.36
C THR A 99 5.41 13.25 -18.46
N GLY A 100 6.51 13.49 -17.75
CA GLY A 100 7.01 12.48 -16.82
C GLY A 100 6.04 12.22 -15.69
N ILE A 101 5.47 13.29 -15.12
CA ILE A 101 4.48 13.11 -14.05
C ILE A 101 3.30 12.30 -14.56
N LEU A 102 2.76 12.67 -15.72
CA LEU A 102 1.62 11.94 -16.26
C LEU A 102 1.98 10.48 -16.54
N GLU A 103 3.19 10.24 -17.06
CA GLU A 103 3.66 8.87 -17.27
C GLU A 103 3.50 8.03 -16.02
N HIS A 104 3.90 8.58 -14.86
CA HIS A 104 3.86 7.78 -13.64
C HIS A 104 2.45 7.68 -13.07
N LEU A 105 1.61 8.70 -13.26
CA LEU A 105 0.25 8.62 -12.73
C LEU A 105 -0.58 7.57 -13.45
N PHE A 106 -0.14 7.09 -14.61
CA PHE A 106 -0.81 6.01 -15.32
C PHE A 106 -0.38 4.63 -14.84
N LYS A 107 0.31 4.54 -13.70
CA LYS A 107 0.76 3.26 -13.17
C LYS A 107 0.18 3.00 -11.79
N HIS A 108 -1.10 3.32 -11.59
CA HIS A 108 -1.76 3.06 -10.31
C HIS A 108 -2.91 2.08 -10.45
N SER A 109 -3.96 2.41 -11.19
CA SER A 109 -5.13 1.56 -11.25
C SER A 109 -6.01 1.98 -12.43
N GLU A 110 -6.99 1.13 -12.74
CA GLU A 110 -7.92 1.47 -13.81
C GLU A 110 -8.68 2.75 -13.48
N GLY A 111 -9.17 2.87 -12.25
CA GLY A 111 -9.93 4.05 -11.88
C GLY A 111 -9.09 5.32 -11.93
N THR A 112 -7.82 5.23 -11.52
CA THR A 112 -6.96 6.41 -11.59
C THR A 112 -6.68 6.80 -13.04
N CYS A 113 -6.49 5.81 -13.92
CA CYS A 113 -6.35 6.14 -15.33
C CYS A 113 -7.57 6.93 -15.82
N SER A 114 -8.77 6.51 -15.41
CA SER A 114 -9.98 7.21 -15.81
C SER A 114 -9.96 8.64 -15.31
N ASP A 115 -9.57 8.85 -14.05
N ASP A 115 -9.53 8.85 -14.06
CA ASP A 115 -9.52 10.19 -13.47
CA ASP A 115 -9.54 10.20 -13.51
C ASP A 115 -8.51 11.06 -14.22
C ASP A 115 -8.51 11.09 -14.19
N VAL A 116 -7.33 10.54 -14.51
CA VAL A 116 -6.31 11.33 -15.20
C VAL A 116 -6.83 11.73 -16.58
N ILE A 117 -7.47 10.81 -17.29
CA ILE A 117 -8.07 11.16 -18.58
C ILE A 117 -9.14 12.23 -18.39
N ARG A 118 -10.00 12.06 -17.38
CA ARG A 118 -11.07 13.01 -17.15
C ARG A 118 -10.52 14.42 -16.91
N LEU A 119 -9.41 14.51 -16.19
CA LEU A 119 -8.80 15.79 -15.84
C LEU A 119 -7.92 16.35 -16.96
N GLY A 120 -7.81 15.65 -18.09
CA GLY A 120 -7.07 16.14 -19.23
C GLY A 120 -5.65 15.64 -19.36
N GLY A 121 -5.24 14.65 -18.57
CA GLY A 121 -3.88 14.16 -18.62
C GLY A 121 -3.54 13.49 -19.95
N LEU A 122 -4.49 12.73 -20.49
CA LEU A 122 -4.23 12.06 -21.77
C LEU A 122 -4.17 13.07 -22.91
N ASP A 123 -5.03 14.09 -22.86
CA ASP A 123 -4.95 15.17 -23.85
C ASP A 123 -3.57 15.80 -23.86
N ALA A 124 -2.99 16.02 -22.68
CA ALA A 124 -1.66 16.63 -22.60
C ALA A 124 -0.60 15.71 -23.19
N VAL A 125 -0.65 14.42 -22.86
CA VAL A 125 0.33 13.48 -23.40
C VAL A 125 0.26 13.46 -24.92
N LEU A 126 -0.95 13.33 -25.47
CA LEU A 126 -1.10 13.26 -26.93
C LEU A 126 -0.64 14.56 -27.58
N PHE A 127 -0.89 15.70 -26.94
CA PHE A 127 -0.38 16.96 -27.46
C PHE A 127 1.14 16.93 -27.59
N GLU A 128 1.82 16.40 -26.57
CA GLU A 128 3.28 16.34 -26.59
C GLU A 128 3.82 15.27 -27.53
N CYS A 129 2.98 14.36 -28.00
CA CYS A 129 3.44 13.35 -28.96
C CYS A 129 3.88 13.96 -30.28
N ARG A 130 3.53 15.22 -30.55
CA ARG A 130 3.92 15.91 -31.77
C ARG A 130 5.20 16.70 -31.63
N THR A 131 5.82 16.70 -30.44
CA THR A 131 7.08 17.38 -30.24
C THR A 131 8.22 16.58 -30.87
N SER A 132 9.37 17.24 -31.00
CA SER A 132 10.58 16.59 -31.50
C SER A 132 11.58 16.29 -30.39
N ASP A 133 11.31 16.72 -29.16
CA ASP A 133 12.24 16.51 -28.05
C ASP A 133 12.26 15.04 -27.65
N LEU A 134 13.43 14.42 -27.67
CA LEU A 134 13.53 12.99 -27.44
C LEU A 134 13.06 12.62 -26.04
N GLU A 135 13.55 13.33 -25.02
CA GLU A 135 13.17 13.01 -23.65
C GLU A 135 11.65 13.08 -23.48
N THR A 136 11.02 14.12 -24.03
CA THR A 136 9.57 14.25 -23.93
C THR A 136 8.87 13.08 -24.60
N LEU A 137 9.32 12.72 -25.81
CA LEU A 137 8.68 11.63 -26.53
C LEU A 137 8.88 10.30 -25.83
N ARG A 138 10.02 10.11 -25.17
CA ARG A 138 10.22 8.91 -24.37
C ARG A 138 9.20 8.84 -23.24
N HIS A 139 8.98 9.97 -22.55
CA HIS A 139 7.92 10.02 -21.53
C HIS A 139 6.56 9.69 -22.14
N CYS A 140 6.27 10.24 -23.31
CA CYS A 140 4.97 10.00 -23.94
C CYS A 140 4.77 8.53 -24.26
N ALA A 141 5.76 7.90 -24.89
CA ALA A 141 5.62 6.49 -25.24
C ALA A 141 5.45 5.64 -23.98
N SER A 142 6.24 5.92 -22.94
CA SER A 142 6.12 5.18 -21.70
CA SER A 142 6.12 5.18 -21.70
C SER A 142 4.75 5.39 -21.06
N ALA A 143 4.24 6.63 -21.10
CA ALA A 143 2.93 6.91 -20.54
C ALA A 143 1.85 6.10 -21.24
N LEU A 144 1.91 6.00 -22.57
CA LEU A 144 0.89 5.26 -23.29
C LEU A 144 1.02 3.75 -23.05
N ALA A 145 2.24 3.25 -22.87
CA ALA A 145 2.40 1.86 -22.46
C ALA A 145 1.76 1.62 -21.09
N ASN A 146 2.04 2.49 -20.13
CA ASN A 146 1.47 2.35 -18.79
C ASN A 146 -0.05 2.38 -18.85
N LEU A 147 -0.61 3.35 -19.60
CA LEU A 147 -2.06 3.43 -19.72
C LEU A 147 -2.64 2.16 -20.31
N SER A 148 -1.97 1.60 -21.33
CA SER A 148 -2.44 0.35 -21.92
C SER A 148 -2.42 -0.78 -20.91
N LEU A 149 -1.43 -0.81 -20.02
CA LEU A 149 -1.31 -1.88 -19.05
C LEU A 149 -2.28 -1.71 -17.89
N TYR A 150 -2.48 -0.47 -17.44
CA TYR A 150 -3.26 -0.19 -16.25
C TYR A 150 -4.69 0.25 -16.53
N GLY A 151 -5.00 0.64 -17.77
CA GLY A 151 -6.28 1.29 -18.05
C GLY A 151 -7.48 0.36 -17.89
N GLY A 152 -7.32 -0.90 -18.26
CA GLY A 152 -8.42 -1.84 -18.24
C GLY A 152 -9.36 -1.63 -19.40
N ALA A 153 -10.34 -2.52 -19.50
CA ALA A 153 -11.31 -2.43 -20.59
C ALA A 153 -12.07 -1.12 -20.54
N GLU A 154 -12.35 -0.61 -19.34
CA GLU A 154 -13.15 0.61 -19.21
C GLU A 154 -12.49 1.80 -19.87
N ASN A 155 -11.15 1.80 -19.97
CA ASN A 155 -10.41 2.88 -20.61
C ASN A 155 -9.98 2.54 -22.03
N GLN A 156 -10.27 1.33 -22.52
CA GLN A 156 -9.86 0.97 -23.86
C GLN A 156 -10.76 1.59 -24.92
N GLU A 157 -12.05 1.78 -24.63
CA GLU A 157 -12.91 2.51 -25.56
C GLU A 157 -12.43 3.95 -25.71
N GLU A 158 -12.06 4.58 -24.59
CA GLU A 158 -11.61 5.97 -24.66
C GLU A 158 -10.36 6.10 -25.51
N MET A 159 -9.43 5.15 -25.37
CA MET A 159 -8.25 5.18 -26.23
C MET A 159 -8.62 5.00 -27.69
N ILE A 160 -9.61 4.15 -27.97
CA ILE A 160 -10.04 3.95 -29.35
C ILE A 160 -10.70 5.21 -29.89
N LEU A 161 -11.59 5.81 -29.10
CA LEU A 161 -12.25 7.05 -29.52
C LEU A 161 -11.22 8.12 -29.84
N ARG A 162 -10.22 8.26 -28.98
CA ARG A 162 -9.17 9.27 -29.16
C ARG A 162 -8.08 8.81 -30.11
N LYS A 163 -8.26 7.67 -30.77
CA LYS A 163 -7.32 7.17 -31.77
C LYS A 163 -5.90 7.07 -31.21
N VAL A 164 -5.80 6.56 -29.97
CA VAL A 164 -4.48 6.34 -29.38
C VAL A 164 -3.63 5.42 -30.24
N PRO A 165 -4.16 4.32 -30.80
CA PRO A 165 -3.33 3.52 -31.72
C PRO A 165 -2.71 4.35 -32.82
N MET A 166 -3.47 5.29 -33.40
CA MET A 166 -2.93 6.16 -34.44
C MET A 166 -1.72 6.94 -33.93
N TRP A 167 -1.79 7.43 -32.69
CA TRP A 167 -0.67 8.19 -32.13
C TRP A 167 0.52 7.29 -31.83
N LEU A 168 0.28 6.02 -31.52
CA LEU A 168 1.38 5.12 -31.15
C LEU A 168 2.21 4.74 -32.36
N PHE A 169 1.58 4.49 -33.51
CA PHE A 169 2.31 3.97 -34.66
C PHE A 169 3.48 4.86 -35.06
N PRO A 170 3.33 6.18 -35.17
CA PRO A 170 4.52 7.01 -35.47
C PRO A 170 5.61 6.87 -34.43
N LEU A 171 5.27 6.63 -33.17
CA LEU A 171 6.28 6.43 -32.14
C LEU A 171 6.95 5.08 -32.29
N ALA A 172 6.22 4.06 -32.74
CA ALA A 172 6.82 2.74 -32.94
C ALA A 172 7.88 2.78 -34.02
N PHE A 173 7.70 3.61 -35.05
CA PHE A 173 8.66 3.73 -36.13
C PHE A 173 9.74 4.76 -35.87
N HIS A 174 9.76 5.37 -34.68
CA HIS A 174 10.83 6.30 -34.35
C HIS A 174 12.16 5.55 -34.26
N ASN A 175 13.24 6.23 -34.66
CA ASN A 175 14.54 5.59 -34.68
C ASN A 175 15.14 5.41 -33.30
N ASP A 176 14.69 6.19 -32.31
CA ASP A 176 15.18 6.03 -30.95
C ASP A 176 14.66 4.74 -30.34
N ASP A 177 15.56 3.94 -29.78
CA ASP A 177 15.19 2.62 -29.31
C ASP A 177 14.25 2.67 -28.12
N ASN A 178 14.36 3.69 -27.27
CA ASN A 178 13.48 3.77 -26.11
C ASN A 178 12.07 4.22 -26.50
N ILE A 179 11.96 5.17 -27.42
CA ILE A 179 10.64 5.53 -27.94
C ILE A 179 10.00 4.33 -28.62
N LYS A 180 10.73 3.73 -29.56
CA LYS A 180 10.22 2.57 -30.28
C LYS A 180 9.79 1.46 -29.32
N TYR A 181 10.64 1.15 -28.34
CA TYR A 181 10.40 0.00 -27.47
C TYR A 181 9.08 0.13 -26.72
N TYR A 182 8.87 1.27 -26.06
CA TYR A 182 7.68 1.41 -25.23
C TYR A 182 6.43 1.64 -26.08
N ALA A 183 6.57 2.25 -27.25
CA ALA A 183 5.44 2.30 -28.18
C ALA A 183 5.04 0.89 -28.61
N CYS A 184 6.03 0.03 -28.89
CA CYS A 184 5.73 -1.34 -29.29
C CYS A 184 5.12 -2.12 -28.13
N LEU A 185 5.57 -1.87 -26.90
CA LEU A 185 4.98 -2.52 -25.74
C LEU A 185 3.52 -2.15 -25.61
N ALA A 186 3.19 -0.86 -25.74
CA ALA A 186 1.80 -0.43 -25.71
C ALA A 186 0.99 -1.15 -26.78
N ILE A 187 1.53 -1.20 -28.01
CA ILE A 187 0.84 -1.86 -29.10
C ILE A 187 0.65 -3.34 -28.79
N ALA A 188 1.68 -3.99 -28.27
CA ALA A 188 1.59 -5.41 -27.95
C ALA A 188 0.55 -5.68 -26.87
N VAL A 189 0.33 -4.72 -25.98
CA VAL A 189 -0.70 -4.87 -24.95
C VAL A 189 -2.08 -4.60 -25.52
N LEU A 190 -2.19 -3.65 -26.45
CA LEU A 190 -3.48 -3.26 -26.99
C LEU A 190 -4.03 -4.26 -28.00
N VAL A 191 -3.18 -5.10 -28.60
CA VAL A 191 -3.68 -6.04 -29.60
C VAL A 191 -4.57 -7.10 -28.96
N ALA A 192 -4.52 -7.26 -27.64
CA ALA A 192 -5.47 -8.14 -26.97
C ALA A 192 -6.90 -7.66 -27.16
N ASN A 193 -7.10 -6.38 -27.49
CA ASN A 193 -8.41 -5.83 -27.82
C ASN A 193 -8.63 -6.02 -29.31
N LYS A 194 -9.57 -6.90 -29.67
CA LYS A 194 -9.73 -7.28 -31.07
C LYS A 194 -10.12 -6.07 -31.93
N GLU A 195 -10.85 -5.11 -31.36
CA GLU A 195 -11.15 -3.89 -32.10
C GLU A 195 -9.88 -3.16 -32.50
N ILE A 196 -8.88 -3.15 -31.60
CA ILE A 196 -7.61 -2.50 -31.89
C ILE A 196 -6.68 -3.39 -32.72
N GLU A 197 -6.90 -4.70 -32.70
CA GLU A 197 -5.98 -5.61 -33.39
C GLU A 197 -5.94 -5.31 -34.89
N ALA A 198 -7.10 -5.10 -35.50
CA ALA A 198 -7.14 -4.88 -36.94
C ALA A 198 -6.30 -3.66 -37.32
N GLU A 199 -6.44 -2.57 -36.57
CA GLU A 199 -5.66 -1.37 -36.87
C GLU A 199 -4.18 -1.62 -36.65
N VAL A 200 -3.82 -2.44 -35.66
CA VAL A 200 -2.41 -2.76 -35.42
C VAL A 200 -1.87 -3.62 -36.56
N LEU A 201 -2.56 -4.70 -36.90
CA LEU A 201 -2.12 -5.55 -38.00
C LEU A 201 -1.98 -4.74 -39.28
N LYS A 202 -2.93 -3.83 -39.54
CA LYS A 202 -2.84 -2.96 -40.71
C LYS A 202 -1.56 -2.14 -40.70
N SER A 203 -1.15 -1.66 -39.52
CA SER A 203 0.01 -0.77 -39.45
C SER A 203 1.32 -1.51 -39.70
N GLY A 204 1.41 -2.78 -39.31
CA GLY A 204 2.64 -3.52 -39.43
C GLY A 204 3.67 -3.23 -38.38
N CYS A 205 3.30 -2.49 -37.32
CA CYS A 205 4.26 -2.16 -36.27
C CYS A 205 4.81 -3.42 -35.60
N LEU A 206 4.00 -4.47 -35.49
CA LEU A 206 4.46 -5.69 -34.85
C LEU A 206 5.63 -6.32 -35.59
N ASP A 207 5.82 -5.99 -36.87
CA ASP A 207 7.00 -6.45 -37.61
C ASP A 207 8.29 -5.85 -37.08
N LEU A 208 8.22 -4.82 -36.24
CA LEU A 208 9.42 -4.21 -35.67
C LEU A 208 9.96 -4.99 -34.49
N VAL A 209 9.19 -5.91 -33.92
CA VAL A 209 9.61 -6.60 -32.70
C VAL A 209 10.78 -7.53 -32.99
N GLU A 210 10.63 -8.41 -33.97
CA GLU A 210 11.67 -9.41 -34.22
C GLU A 210 13.02 -8.76 -34.50
N PRO A 211 13.13 -7.75 -35.36
CA PRO A 211 14.44 -7.08 -35.52
C PRO A 211 14.98 -6.50 -34.23
N PHE A 212 14.11 -5.96 -33.37
CA PHE A 212 14.57 -5.31 -32.16
C PHE A 212 15.12 -6.32 -31.15
N VAL A 213 14.35 -7.36 -30.84
CA VAL A 213 14.73 -8.27 -29.78
C VAL A 213 15.96 -9.10 -30.18
N THR A 214 16.14 -9.36 -31.47
CA THR A 214 17.28 -10.14 -31.92
C THR A 214 18.54 -9.28 -32.10
N SER A 215 18.40 -7.96 -32.16
CA SER A 215 19.54 -7.06 -32.33
C SER A 215 19.92 -6.33 -31.06
N HIS A 216 19.16 -6.49 -29.98
CA HIS A 216 19.43 -5.83 -28.71
C HIS A 216 19.69 -6.88 -27.64
N ASP A 217 20.82 -6.76 -26.96
CA ASP A 217 21.05 -7.57 -25.77
C ASP A 217 20.20 -7.04 -24.62
N PRO A 218 19.39 -7.89 -23.98
CA PRO A 218 18.53 -7.37 -22.89
C PRO A 218 19.31 -6.62 -21.82
N SER A 219 20.44 -7.17 -21.36
CA SER A 219 21.22 -6.52 -20.32
C SER A 219 21.70 -5.14 -20.78
N ALA A 220 22.32 -5.08 -21.97
CA ALA A 220 22.81 -3.80 -22.47
C ALA A 220 21.67 -2.79 -22.59
N PHE A 221 20.52 -3.22 -23.12
CA PHE A 221 19.39 -2.30 -23.25
C PHE A 221 18.94 -1.81 -21.88
N ALA A 222 19.05 -2.64 -20.85
CA ALA A 222 18.70 -2.21 -19.49
C ALA A 222 19.55 -1.05 -19.03
N ARG A 223 20.74 -0.87 -19.59
CA ARG A 223 21.62 0.25 -19.27
C ARG A 223 21.47 1.43 -20.22
N SER A 224 20.60 1.32 -21.23
CA SER A 224 20.50 2.35 -22.25
C SER A 224 19.80 3.62 -21.76
N ASN A 225 19.17 3.58 -20.60
CA ASN A 225 18.39 4.72 -20.12
C ASN A 225 18.34 4.67 -18.60
N LEU A 226 18.91 5.70 -17.95
CA LEU A 226 18.90 5.76 -16.50
C LEU A 226 17.47 5.71 -15.94
N ALA A 227 16.50 6.24 -16.69
CA ALA A 227 15.14 6.29 -16.19
C ALA A 227 14.52 4.92 -15.99
N HIS A 228 15.10 3.87 -16.59
CA HIS A 228 14.58 2.52 -16.46
C HIS A 228 15.68 1.52 -16.13
N ALA A 229 16.81 1.99 -15.58
CA ALA A 229 17.90 1.09 -15.25
C ALA A 229 17.54 0.09 -14.19
N HIS A 230 16.50 0.35 -13.40
CA HIS A 230 16.07 -0.55 -12.34
C HIS A 230 14.84 -1.37 -12.73
N GLY A 231 14.42 -1.29 -13.99
CA GLY A 231 13.26 -2.04 -14.42
C GLY A 231 11.96 -1.44 -13.87
N GLN A 232 10.90 -2.23 -14.05
CA GLN A 232 9.55 -1.81 -13.67
C GLN A 232 9.16 -2.43 -12.33
N SER A 233 8.08 -1.90 -11.76
CA SER A 233 7.57 -2.39 -10.49
C SER A 233 6.93 -3.76 -10.66
N LYS A 234 6.81 -4.48 -9.54
CA LYS A 234 6.16 -5.80 -9.58
C LYS A 234 4.74 -5.69 -10.08
N HIS A 235 4.04 -4.59 -9.77
CA HIS A 235 2.66 -4.43 -10.19
C HIS A 235 2.57 -4.10 -11.67
N TRP A 236 3.57 -3.41 -12.21
CA TRP A 236 3.67 -3.21 -13.65
C TRP A 236 3.94 -4.52 -14.36
N LEU A 237 4.84 -5.34 -13.81
CA LEU A 237 5.15 -6.63 -14.41
C LEU A 237 3.98 -7.61 -14.27
N LYS A 238 3.30 -7.58 -13.13
CA LYS A 238 2.11 -8.42 -12.95
C LYS A 238 1.13 -8.22 -14.08
N ARG A 239 0.94 -6.98 -14.52
N ARG A 239 0.94 -6.98 -14.52
CA ARG A 239 0.02 -6.69 -15.60
CA ARG A 239 0.02 -6.68 -15.60
C ARG A 239 0.57 -7.05 -16.97
C ARG A 239 0.57 -7.05 -16.97
N LEU A 240 1.88 -7.26 -17.09
CA LEU A 240 2.47 -7.68 -18.36
C LEU A 240 2.48 -9.19 -18.54
N VAL A 241 2.32 -9.96 -17.46
CA VAL A 241 2.39 -11.41 -17.53
C VAL A 241 1.40 -11.96 -18.56
N PRO A 242 0.17 -11.45 -18.63
CA PRO A 242 -0.78 -11.99 -19.62
C PRO A 242 -0.28 -11.91 -21.06
N VAL A 243 0.61 -10.96 -21.37
CA VAL A 243 1.11 -10.85 -22.73
C VAL A 243 2.05 -11.98 -23.10
N LEU A 244 2.64 -12.66 -22.10
CA LEU A 244 3.46 -13.82 -22.39
C LEU A 244 2.68 -14.91 -23.11
N SER A 245 1.35 -14.93 -22.95
CA SER A 245 0.47 -15.88 -23.62
C SER A 245 -0.46 -15.18 -24.59
N SER A 246 0.03 -14.12 -25.23
CA SER A 246 -0.79 -13.32 -26.11
C SER A 246 -1.19 -14.10 -27.36
N ASN A 247 -2.21 -13.58 -28.06
CA ASN A 247 -2.64 -14.17 -29.32
C ASN A 247 -1.58 -14.01 -30.39
N ARG A 248 -0.90 -12.86 -30.41
CA ARG A 248 0.07 -12.53 -31.45
C ARG A 248 1.46 -12.99 -31.03
N GLU A 249 2.10 -13.78 -31.90
CA GLU A 249 3.45 -14.26 -31.61
C GLU A 249 4.41 -13.10 -31.36
N GLU A 250 4.23 -11.99 -32.09
CA GLU A 250 5.13 -10.85 -31.91
C GLU A 250 5.00 -10.27 -30.50
N ALA A 251 3.78 -10.24 -29.96
CA ALA A 251 3.59 -9.73 -28.60
C ALA A 251 4.25 -10.63 -27.57
N ARG A 252 4.10 -11.95 -27.72
CA ARG A 252 4.75 -12.87 -26.79
C ARG A 252 6.27 -12.69 -26.82
N ASN A 253 6.83 -12.44 -28.02
CA ASN A 253 8.27 -12.25 -28.13
C ASN A 253 8.72 -11.03 -27.34
N LEU A 254 8.03 -9.91 -27.50
CA LEU A 254 8.43 -8.69 -26.80
C LEU A 254 8.29 -8.85 -25.28
N ALA A 255 7.18 -9.44 -24.84
CA ALA A 255 7.00 -9.68 -23.41
C ALA A 255 8.09 -10.60 -22.87
N ALA A 256 8.43 -11.66 -23.63
CA ALA A 256 9.50 -12.55 -23.21
C ALA A 256 10.83 -11.82 -23.14
N PHE A 257 11.12 -10.98 -24.13
CA PHE A 257 12.33 -10.17 -24.09
C PHE A 257 12.35 -9.30 -22.84
N HIS A 258 11.22 -8.67 -22.52
CA HIS A 258 11.20 -7.75 -21.40
C HIS A 258 11.45 -8.47 -20.08
N PHE A 259 10.80 -9.63 -19.90
CA PHE A 259 11.01 -10.38 -18.66
C PHE A 259 12.44 -10.90 -18.56
N CYS A 260 13.08 -11.20 -19.70
CA CYS A 260 14.49 -11.56 -19.66
C CYS A 260 15.32 -10.37 -19.17
N MET A 261 15.05 -9.18 -19.70
CA MET A 261 15.75 -7.99 -19.23
C MET A 261 15.48 -7.76 -17.74
N GLU A 262 14.21 -7.87 -17.32
CA GLU A 262 13.86 -7.65 -15.93
C GLU A 262 14.50 -8.69 -15.02
N ALA A 263 14.58 -9.94 -15.48
CA ALA A 263 15.22 -10.98 -14.67
C ALA A 263 16.66 -10.63 -14.38
N GLY A 264 17.38 -10.12 -15.39
CA GLY A 264 18.75 -9.70 -15.16
C GLY A 264 18.85 -8.53 -14.20
N ILE A 265 17.94 -7.55 -14.34
CA ILE A 265 17.95 -6.40 -13.45
C ILE A 265 17.64 -6.84 -12.02
N LYS A 266 16.59 -7.64 -11.84
CA LYS A 266 16.19 -8.05 -10.49
C LYS A 266 17.22 -8.99 -9.87
N ARG A 267 17.92 -9.79 -10.70
CA ARG A 267 18.97 -10.64 -10.17
C ARG A 267 20.05 -9.80 -9.49
N GLU A 268 20.50 -8.74 -10.17
CA GLU A 268 21.54 -7.88 -9.61
C GLU A 268 21.05 -7.10 -8.41
N GLN A 269 19.74 -6.88 -8.29
CA GLN A 269 19.17 -6.27 -7.10
C GLN A 269 19.00 -7.27 -5.96
N GLY A 270 18.88 -8.57 -6.27
CA GLY A 270 18.50 -9.54 -5.28
C GLY A 270 17.01 -9.62 -5.06
N ASN A 271 16.22 -9.23 -6.05
CA ASN A 271 14.78 -9.09 -5.92
C ASN A 271 14.01 -10.09 -6.78
N THR A 272 14.66 -11.18 -7.19
CA THR A 272 13.99 -12.15 -8.07
C THR A 272 12.78 -12.80 -7.42
N ASP A 273 12.55 -12.57 -6.12
CA ASP A 273 11.37 -13.11 -5.46
C ASP A 273 10.06 -12.55 -6.00
N ILE A 274 10.10 -11.37 -6.62
CA ILE A 274 8.86 -10.75 -7.09
C ILE A 274 8.22 -11.57 -8.19
N PHE A 275 9.02 -12.27 -8.99
CA PHE A 275 8.46 -13.04 -10.09
C PHE A 275 7.59 -14.19 -9.59
N ARG A 276 7.93 -14.77 -8.44
CA ARG A 276 7.07 -15.81 -7.86
C ARG A 276 5.77 -15.20 -7.34
N GLU A 277 5.84 -14.01 -6.75
CA GLU A 277 4.66 -13.40 -6.16
C GLU A 277 3.64 -12.97 -7.22
N ILE A 278 4.11 -12.55 -8.39
CA ILE A 278 3.22 -12.10 -9.46
C ILE A 278 2.82 -13.28 -10.33
N ASN A 279 3.19 -14.48 -9.91
CA ASN A 279 2.87 -15.71 -10.65
C ASN A 279 3.37 -15.63 -12.09
N ALA A 280 4.65 -15.30 -12.23
CA ALA A 280 5.29 -15.23 -13.54
C ALA A 280 6.16 -16.44 -13.86
N ILE A 281 6.50 -17.25 -12.85
CA ILE A 281 7.37 -18.40 -13.08
C ILE A 281 6.67 -19.42 -13.98
N GLU A 282 5.45 -19.83 -13.60
CA GLU A 282 4.73 -20.80 -14.42
C GLU A 282 4.43 -20.25 -15.81
N ALA A 283 4.17 -18.94 -15.92
CA ALA A 283 3.97 -18.34 -17.23
C ALA A 283 5.26 -18.39 -18.05
N LEU A 284 6.41 -18.20 -17.39
CA LEU A 284 7.68 -18.26 -18.10
C LEU A 284 8.07 -19.69 -18.44
N LYS A 285 7.82 -20.64 -17.52
CA LYS A 285 8.07 -22.04 -17.84
C LYS A 285 7.22 -22.50 -19.01
N ASN A 286 5.98 -22.02 -19.09
CA ASN A 286 5.13 -22.33 -20.24
C ASN A 286 5.79 -21.86 -21.53
N VAL A 287 6.41 -20.69 -21.51
CA VAL A 287 7.08 -20.17 -22.69
C VAL A 287 8.43 -20.86 -22.91
N ALA A 288 9.10 -21.27 -21.83
CA ALA A 288 10.44 -21.84 -21.96
C ALA A 288 10.44 -23.17 -22.71
N SER A 289 9.31 -23.88 -22.75
CA SER A 289 9.22 -25.15 -23.43
C SER A 289 8.36 -25.10 -24.69
N CYS A 290 7.84 -23.94 -25.06
CA CYS A 290 6.99 -23.82 -26.23
C CYS A 290 7.83 -23.84 -27.50
N PRO A 291 7.21 -24.13 -28.65
CA PRO A 291 8.00 -24.24 -29.89
C PRO A 291 8.47 -22.92 -30.45
N ASN A 292 7.95 -21.78 -29.96
CA ASN A 292 8.42 -20.47 -30.39
C ASN A 292 9.86 -20.28 -29.92
N ALA A 293 10.81 -20.41 -30.84
CA ALA A 293 12.22 -20.39 -30.46
C ALA A 293 12.61 -19.06 -29.83
N ILE A 294 12.15 -17.95 -30.41
CA ILE A 294 12.55 -16.63 -29.92
C ILE A 294 12.06 -16.41 -28.50
N ALA A 295 10.74 -16.50 -28.29
CA ALA A 295 10.19 -16.30 -26.95
C ALA A 295 10.68 -17.37 -25.98
N SER A 296 10.93 -18.58 -26.47
CA SER A 296 11.35 -19.66 -25.59
C SER A 296 12.74 -19.41 -25.03
N LYS A 297 13.67 -18.93 -25.87
CA LYS A 297 15.02 -18.70 -25.38
C LYS A 297 15.07 -17.54 -24.40
N PHE A 298 14.27 -16.49 -24.65
CA PHE A 298 14.22 -15.37 -23.71
C PHE A 298 13.64 -15.81 -22.38
N ALA A 299 12.58 -16.62 -22.40
CA ALA A 299 11.98 -17.07 -21.15
C ALA A 299 12.91 -18.00 -20.39
N ALA A 300 13.65 -18.86 -21.11
CA ALA A 300 14.60 -19.75 -20.45
C ALA A 300 15.75 -18.96 -19.83
N GLN A 301 16.27 -17.97 -20.54
CA GLN A 301 17.30 -17.11 -19.97
C GLN A 301 16.77 -16.39 -18.73
N ALA A 302 15.51 -15.96 -18.76
CA ALA A 302 14.94 -15.29 -17.60
C ALA A 302 14.93 -16.21 -16.39
N LEU A 303 14.49 -17.45 -16.57
CA LEU A 303 14.41 -18.39 -15.45
C LEU A 303 15.79 -18.69 -14.89
N ARG A 304 16.81 -18.77 -15.75
CA ARG A 304 18.17 -18.98 -15.26
C ARG A 304 18.65 -17.78 -14.43
N LEU A 305 18.29 -16.56 -14.87
CA LEU A 305 18.71 -15.37 -14.14
C LEU A 305 17.95 -15.24 -12.82
N ILE A 306 16.66 -15.61 -12.82
CA ILE A 306 15.92 -15.68 -11.56
C ILE A 306 16.57 -16.70 -10.63
N GLY A 307 17.16 -17.76 -11.19
CA GLY A 307 17.81 -18.78 -10.39
C GLY A 307 16.81 -19.70 -9.72
N LYS B 1 -8.42 -21.38 -9.55
CA LYS B 1 -8.95 -21.42 -8.19
C LYS B 1 -7.99 -20.70 -7.24
N SER B 2 -6.89 -21.37 -6.88
CA SER B 2 -5.85 -20.69 -6.12
C SER B 2 -5.13 -19.64 -6.95
N GLN B 3 -5.23 -19.73 -8.28
CA GLN B 3 -4.53 -18.81 -9.16
C GLN B 3 -5.02 -17.38 -8.97
N TYR B 4 -6.33 -17.20 -8.83
CA TYR B 4 -6.94 -15.87 -8.82
C TYR B 4 -7.21 -15.33 -7.43
N LEU B 5 -6.84 -16.06 -6.37
CA LEU B 5 -7.00 -15.53 -5.02
C LEU B 5 -6.28 -14.21 -4.85
N GLU B 6 -5.16 -14.03 -5.55
CA GLU B 6 -4.35 -12.82 -5.37
C GLU B 6 -5.12 -11.56 -5.76
N LYS B 7 -6.05 -11.67 -6.70
CA LYS B 7 -6.80 -10.50 -7.16
C LYS B 7 -7.76 -9.97 -6.11
N ILE B 8 -8.07 -10.77 -5.09
CA ILE B 8 -9.08 -10.37 -4.11
C ILE B 8 -8.57 -9.29 -3.18
N ASN B 9 -7.26 -9.26 -2.91
CA ASN B 9 -6.72 -8.30 -1.96
C ASN B 9 -7.07 -6.87 -2.38
N GLU B 10 -7.00 -6.58 -3.67
CA GLU B 10 -7.31 -5.24 -4.14
C GLU B 10 -8.80 -4.93 -4.02
N VAL B 11 -9.66 -5.94 -4.17
CA VAL B 11 -11.09 -5.74 -4.03
C VAL B 11 -11.44 -5.47 -2.56
N ILE B 12 -10.87 -6.24 -1.65
CA ILE B 12 -11.24 -6.09 -0.25
C ILE B 12 -10.63 -4.82 0.35
N ARG B 13 -9.41 -4.45 -0.08
CA ARG B 13 -8.81 -3.22 0.41
C ARG B 13 -9.65 -2.02 0.01
N ARG B 14 -10.15 -2.01 -1.23
CA ARG B 14 -10.98 -0.90 -1.67
C ARG B 14 -12.35 -0.93 -1.02
N ALA B 15 -12.86 -2.12 -0.69
CA ALA B 15 -14.13 -2.21 0.02
C ALA B 15 -14.02 -1.60 1.42
N TRP B 16 -12.94 -1.92 2.13
CA TRP B 16 -12.73 -1.34 3.46
C TRP B 16 -12.68 0.18 3.39
N ALA B 17 -12.05 0.73 2.35
CA ALA B 17 -11.74 2.15 2.29
C ALA B 17 -12.96 3.03 2.00
N VAL B 18 -14.09 2.45 1.60
CA VAL B 18 -15.28 3.26 1.36
C VAL B 18 -15.68 3.90 2.68
N PRO B 19 -15.66 5.23 2.79
CA PRO B 19 -15.99 5.86 4.08
C PRO B 19 -17.38 5.45 4.57
N THR B 20 -17.46 5.13 5.85
CA THR B 20 -18.72 4.74 6.50
C THR B 20 -19.21 3.38 6.00
N HIS B 21 -19.52 3.28 4.71
CA HIS B 21 -20.05 2.03 4.16
C HIS B 21 -18.99 0.93 4.06
N GLY B 22 -17.71 1.28 4.16
CA GLY B 22 -16.67 0.27 4.01
C GLY B 22 -16.71 -0.79 5.09
N HIS B 23 -17.25 -0.46 6.26
CA HIS B 23 -17.33 -1.45 7.34
C HIS B 23 -18.14 -2.66 6.92
N GLU B 24 -19.36 -2.43 6.42
CA GLU B 24 -20.23 -3.56 6.07
C GLU B 24 -19.77 -4.24 4.80
N LEU B 25 -19.31 -3.47 3.81
CA LEU B 25 -18.85 -4.07 2.55
C LEU B 25 -17.65 -4.98 2.80
N GLY B 26 -16.64 -4.45 3.51
CA GLY B 26 -15.50 -5.30 3.85
C GLY B 26 -15.92 -6.51 4.66
N TYR B 27 -16.83 -6.33 5.62
CA TYR B 27 -17.29 -7.45 6.43
C TYR B 27 -17.98 -8.50 5.57
N SER B 28 -18.72 -8.07 4.55
CA SER B 28 -19.39 -9.03 3.67
C SER B 28 -18.38 -9.89 2.92
N LEU B 29 -17.25 -9.30 2.53
CA LEU B 29 -16.24 -10.07 1.82
C LEU B 29 -15.50 -11.03 2.75
N CYS B 30 -15.32 -10.65 4.02
CA CYS B 30 -14.67 -11.54 4.97
C CYS B 30 -15.53 -12.76 5.26
N ASN B 31 -16.83 -12.55 5.47
CA ASN B 31 -17.73 -13.67 5.73
C ASN B 31 -17.85 -14.58 4.50
N SER B 32 -17.81 -14.00 3.30
CA SER B 32 -17.83 -14.81 2.09
C SER B 32 -16.63 -15.75 2.04
N LEU B 33 -15.44 -15.22 2.32
CA LEU B 33 -14.23 -16.04 2.26
C LEU B 33 -14.33 -17.23 3.20
N ARG B 34 -14.89 -17.03 4.40
CA ARG B 34 -15.02 -18.15 5.34
C ARG B 34 -16.05 -19.16 4.84
N GLN B 35 -17.18 -18.68 4.33
CA GLN B 35 -18.28 -19.57 3.93
C GLN B 35 -17.99 -20.30 2.63
N SER B 36 -17.26 -19.68 1.71
CA SER B 36 -16.96 -20.29 0.42
C SER B 36 -15.79 -21.25 0.46
N GLY B 37 -15.06 -21.32 1.58
CA GLY B 37 -13.84 -22.10 1.66
C GLY B 37 -12.58 -21.36 1.31
N GLY B 38 -12.68 -20.09 0.90
CA GLY B 38 -11.49 -19.34 0.54
C GLY B 38 -10.55 -19.13 1.72
N LEU B 39 -11.10 -18.96 2.92
CA LEU B 39 -10.25 -18.78 4.09
C LEU B 39 -9.41 -20.03 4.35
N ASP B 40 -10.03 -21.20 4.24
CA ASP B 40 -9.27 -22.44 4.40
C ASP B 40 -8.22 -22.58 3.32
N LEU B 41 -8.55 -22.16 2.09
CA LEU B 41 -7.57 -22.21 1.00
C LEU B 41 -6.38 -21.30 1.30
N LEU B 42 -6.65 -20.12 1.86
CA LEU B 42 -5.57 -19.23 2.27
C LEU B 42 -4.67 -19.91 3.29
N MET B 43 -5.27 -20.53 4.31
N MET B 43 -5.26 -20.52 4.32
CA MET B 43 -4.48 -21.19 5.33
CA MET B 43 -4.47 -21.20 5.34
C MET B 43 -3.74 -22.41 4.78
C MET B 43 -3.73 -22.40 4.76
N LYS B 44 -4.29 -23.03 3.73
CA LYS B 44 -3.59 -24.14 3.09
C LYS B 44 -2.39 -23.66 2.28
N ASN B 45 -2.52 -22.49 1.65
CA ASN B 45 -1.50 -21.99 0.74
C ASN B 45 -0.44 -21.13 1.41
N CYS B 46 -0.68 -20.64 2.63
CA CYS B 46 0.25 -19.69 3.23
C CYS B 46 1.60 -20.33 3.59
N VAL B 47 1.72 -21.66 3.52
CA VAL B 47 2.99 -22.33 3.74
C VAL B 47 3.68 -22.71 2.43
N LYS B 48 3.07 -22.38 1.29
CA LYS B 48 3.67 -22.67 -0.01
C LYS B 48 4.44 -21.46 -0.51
N PRO B 49 5.73 -21.60 -0.86
CA PRO B 49 6.52 -20.41 -1.18
C PRO B 49 5.97 -19.57 -2.33
N ASP B 50 5.35 -20.19 -3.33
CA ASP B 50 4.84 -19.43 -4.46
C ASP B 50 3.57 -18.65 -4.12
N LEU B 51 2.86 -19.02 -3.04
CA LEU B 51 1.63 -18.37 -2.66
C LEU B 51 1.68 -17.78 -1.26
N GLN B 52 2.86 -17.76 -0.63
CA GLN B 52 2.95 -17.40 0.78
C GLN B 52 2.57 -15.95 1.01
N PHE B 53 3.19 -15.02 0.28
CA PHE B 53 2.93 -13.60 0.53
C PHE B 53 1.51 -13.23 0.14
N SER B 54 1.09 -13.59 -1.08
CA SER B 54 -0.26 -13.23 -1.52
C SER B 54 -1.31 -13.78 -0.57
N SER B 55 -1.08 -14.97 -0.02
CA SER B 55 -1.99 -15.53 0.98
C SER B 55 -1.97 -14.71 2.25
N ALA B 56 -0.77 -14.39 2.74
CA ALA B 56 -0.67 -13.57 3.95
C ALA B 56 -1.25 -12.19 3.73
N GLN B 57 -1.02 -11.61 2.55
CA GLN B 57 -1.53 -10.27 2.27
C GLN B 57 -3.05 -10.22 2.39
N LEU B 58 -3.73 -11.23 1.85
CA LEU B 58 -5.19 -11.26 1.95
C LEU B 58 -5.63 -11.61 3.37
N LEU B 59 -4.91 -12.52 4.03
CA LEU B 59 -5.23 -12.86 5.40
C LEU B 59 -5.27 -11.63 6.29
N GLU B 60 -4.31 -10.72 6.12
N GLU B 60 -4.29 -10.73 6.13
CA GLU B 60 -4.25 -9.54 6.98
CA GLU B 60 -4.25 -9.53 6.97
C GLU B 60 -5.51 -8.70 6.86
C GLU B 60 -5.55 -8.74 6.88
N GLN B 61 -6.19 -8.75 5.72
CA GLN B 61 -7.36 -7.93 5.46
C GLN B 61 -8.68 -8.57 5.84
N CYS B 62 -8.69 -9.82 6.34
CA CYS B 62 -9.96 -10.49 6.60
C CYS B 62 -9.98 -11.20 7.95
N LEU B 63 -9.21 -10.70 8.92
CA LEU B 63 -9.19 -11.31 10.26
C LEU B 63 -10.17 -10.59 11.19
N THR B 64 -11.44 -10.65 10.77
CA THR B 64 -12.54 -10.18 11.59
C THR B 64 -12.77 -11.14 12.76
N THR B 65 -13.65 -10.72 13.68
CA THR B 65 -13.92 -11.53 14.87
C THR B 65 -14.21 -12.99 14.50
N GLU B 66 -15.10 -13.20 13.53
CA GLU B 66 -15.49 -14.56 13.16
C GLU B 66 -14.35 -15.30 12.48
N ASN B 67 -13.59 -14.62 11.63
CA ASN B 67 -12.51 -15.29 10.91
C ASN B 67 -11.32 -15.57 11.82
N ARG B 68 -11.10 -14.71 12.82
CA ARG B 68 -10.07 -15.00 13.82
C ARG B 68 -10.39 -16.29 14.55
N LYS B 69 -11.66 -16.49 14.92
CA LYS B 69 -12.04 -17.75 15.56
C LYS B 69 -11.80 -18.93 14.63
N HIS B 70 -12.10 -18.77 13.33
CA HIS B 70 -11.88 -19.84 12.38
C HIS B 70 -10.39 -20.20 12.29
N VAL B 71 -9.52 -19.19 12.28
CA VAL B 71 -8.08 -19.45 12.25
C VAL B 71 -7.65 -20.14 13.53
N VAL B 72 -8.12 -19.63 14.68
CA VAL B 72 -7.75 -20.23 15.96
C VAL B 72 -8.09 -21.72 15.97
N ASP B 73 -9.20 -22.09 15.32
CA ASP B 73 -9.67 -23.47 15.38
C ASP B 73 -9.09 -24.37 14.31
N ASN B 74 -8.47 -23.81 13.26
CA ASN B 74 -8.05 -24.62 12.12
C ASN B 74 -6.57 -24.52 11.76
N GLY B 75 -5.87 -23.47 12.16
CA GLY B 75 -4.46 -23.36 11.83
C GLY B 75 -3.77 -22.14 12.37
N LEU B 76 -3.87 -21.91 13.68
CA LEU B 76 -3.24 -20.75 14.27
C LEU B 76 -1.72 -20.79 14.10
N ASP B 77 -1.12 -21.95 14.33
CA ASP B 77 0.34 -22.05 14.28
C ASP B 77 0.86 -21.70 12.88
N LYS B 78 0.20 -22.17 11.83
CA LYS B 78 0.63 -21.83 10.48
C LYS B 78 0.56 -20.34 10.23
N VAL B 79 -0.51 -19.69 10.67
CA VAL B 79 -0.72 -18.28 10.35
C VAL B 79 0.25 -17.42 11.14
N VAL B 80 0.49 -17.76 12.40
CA VAL B 80 1.51 -17.03 13.15
C VAL B 80 2.87 -17.27 12.53
N ASN B 81 3.14 -18.51 12.11
CA ASN B 81 4.44 -18.82 11.50
C ASN B 81 4.66 -18.00 10.24
N VAL B 82 3.64 -17.89 9.37
CA VAL B 82 3.82 -17.12 8.13
C VAL B 82 3.97 -15.64 8.44
N ALA B 83 3.24 -15.15 9.44
CA ALA B 83 3.42 -13.76 9.85
C ALA B 83 4.85 -13.48 10.29
N CYS B 84 5.43 -14.39 11.08
CA CYS B 84 6.81 -14.20 11.51
C CYS B 84 7.76 -14.27 10.33
N VAL B 85 7.51 -15.15 9.37
CA VAL B 85 8.33 -15.21 8.17
C VAL B 85 8.33 -13.86 7.46
N CYS B 86 7.16 -13.22 7.39
CA CYS B 86 7.07 -11.94 6.67
C CYS B 86 7.88 -10.85 7.37
N THR B 87 7.92 -10.86 8.70
CA THR B 87 8.63 -9.82 9.43
C THR B 87 10.15 -9.93 9.26
N LYS B 88 10.65 -11.09 8.82
CA LYS B 88 12.08 -11.29 8.59
C LYS B 88 12.47 -11.07 7.14
N ASN B 89 11.50 -10.80 6.26
CA ASN B 89 11.80 -10.57 4.85
C ASN B 89 12.53 -9.25 4.67
N SER B 90 13.26 -9.15 3.56
CA SER B 90 13.95 -7.91 3.22
C SER B 90 13.00 -6.82 2.74
N ASN B 91 11.75 -7.16 2.46
CA ASN B 91 10.81 -6.25 1.82
C ASN B 91 9.95 -5.54 2.86
N MET B 92 9.80 -4.23 2.70
CA MET B 92 8.94 -3.47 3.60
C MET B 92 7.48 -3.88 3.46
N GLU B 93 7.06 -4.19 2.23
CA GLU B 93 5.69 -4.64 2.02
C GLU B 93 5.40 -5.90 2.81
N HIS B 94 6.39 -6.80 2.91
CA HIS B 94 6.21 -8.04 3.66
C HIS B 94 6.13 -7.76 5.16
N SER B 95 7.02 -6.91 5.68
CA SER B 95 7.02 -6.63 7.11
C SER B 95 5.68 -6.05 7.57
N ARG B 96 5.10 -5.15 6.78
CA ARG B 96 3.81 -4.57 7.15
C ARG B 96 2.74 -5.65 7.23
N VAL B 97 2.72 -6.58 6.28
CA VAL B 97 1.72 -7.64 6.29
C VAL B 97 1.90 -8.51 7.54
N GLY B 98 3.14 -8.88 7.85
CA GLY B 98 3.39 -9.73 9.01
C GLY B 98 2.91 -9.11 10.31
N THR B 99 3.25 -7.84 10.52
CA THR B 99 2.84 -7.17 11.75
C THR B 99 1.33 -7.00 11.81
N GLY B 100 0.70 -6.74 10.67
CA GLY B 100 -0.75 -6.60 10.65
C GLY B 100 -1.46 -7.88 11.05
N ILE B 101 -1.01 -9.02 10.54
CA ILE B 101 -1.61 -10.30 10.94
C ILE B 101 -1.52 -10.48 12.44
N LEU B 102 -0.34 -10.25 13.01
CA LEU B 102 -0.15 -10.41 14.45
C LEU B 102 -1.00 -9.42 15.23
N GLU B 103 -1.13 -8.20 14.72
CA GLU B 103 -2.02 -7.23 15.35
C GLU B 103 -3.42 -7.80 15.56
N HIS B 104 -3.97 -8.43 14.52
CA HIS B 104 -5.34 -8.90 14.61
C HIS B 104 -5.45 -10.18 15.43
N LEU B 105 -4.44 -11.04 15.40
CA LEU B 105 -4.50 -12.28 16.17
C LEU B 105 -4.45 -12.02 17.67
N PHE B 106 -4.04 -10.82 18.09
CA PHE B 106 -4.06 -10.44 19.50
C PHE B 106 -5.43 -9.93 19.96
N LYS B 107 -6.47 -10.06 19.13
CA LYS B 107 -7.81 -9.59 19.43
C LYS B 107 -8.81 -10.74 19.48
N HIS B 108 -8.40 -11.88 20.03
CA HIS B 108 -9.30 -13.03 20.14
C HIS B 108 -9.61 -13.40 21.58
N SER B 109 -8.60 -13.74 22.39
CA SER B 109 -8.85 -14.21 23.74
C SER B 109 -7.53 -14.25 24.50
N GLU B 110 -7.65 -14.40 25.82
N GLU B 110 -7.65 -14.41 25.83
CA GLU B 110 -6.47 -14.56 26.66
CA GLU B 110 -6.46 -14.55 26.65
C GLU B 110 -5.65 -15.77 26.22
C GLU B 110 -5.65 -15.78 26.23
N GLY B 111 -6.32 -16.91 25.98
CA GLY B 111 -5.60 -18.10 25.59
C GLY B 111 -4.90 -17.97 24.26
N THR B 112 -5.54 -17.32 23.28
CA THR B 112 -4.91 -17.14 21.99
C THR B 112 -3.73 -16.17 22.10
N CYS B 113 -3.85 -15.14 22.94
CA CYS B 113 -2.69 -14.28 23.18
C CYS B 113 -1.51 -15.08 23.67
N SER B 114 -1.74 -16.01 24.60
CA SER B 114 -0.67 -16.86 25.10
C SER B 114 -0.04 -17.70 23.99
N ASP B 115 -0.88 -18.25 23.10
CA ASP B 115 -0.36 -19.07 22.02
C ASP B 115 0.47 -18.24 21.04
N VAL B 116 0.00 -17.04 20.70
CA VAL B 116 0.74 -16.19 19.78
C VAL B 116 2.09 -15.82 20.37
N ILE B 117 2.14 -15.51 21.66
CA ILE B 117 3.41 -15.23 22.32
C ILE B 117 4.32 -16.45 22.27
N ARG B 118 3.77 -17.62 22.63
CA ARG B 118 4.58 -18.84 22.62
C ARG B 118 5.16 -19.10 21.24
N LEU B 119 4.38 -18.86 20.19
CA LEU B 119 4.81 -19.13 18.83
C LEU B 119 5.77 -18.09 18.27
N GLY B 120 6.02 -17.01 19.00
CA GLY B 120 6.95 -15.98 18.56
C GLY B 120 6.34 -14.71 18.04
N GLY B 121 5.01 -14.56 18.13
CA GLY B 121 4.37 -13.39 17.57
C GLY B 121 4.76 -12.10 18.27
N LEU B 122 4.91 -12.15 19.60
CA LEU B 122 5.29 -10.93 20.31
C LEU B 122 6.74 -10.56 20.01
N ASP B 123 7.63 -11.54 19.95
CA ASP B 123 9.02 -11.25 19.60
C ASP B 123 9.13 -10.61 18.22
N ALA B 124 8.30 -11.05 17.27
CA ALA B 124 8.32 -10.45 15.94
C ALA B 124 7.84 -9.01 15.97
N VAL B 125 6.80 -8.73 16.76
CA VAL B 125 6.31 -7.36 16.88
C VAL B 125 7.40 -6.47 17.49
N LEU B 126 8.04 -6.94 18.57
CA LEU B 126 9.07 -6.13 19.21
C LEU B 126 10.25 -5.91 18.28
N PHE B 127 10.59 -6.91 17.46
CA PHE B 127 11.64 -6.72 16.48
C PHE B 127 11.30 -5.62 15.50
N GLU B 128 10.05 -5.59 15.02
CA GLU B 128 9.66 -4.58 14.07
C GLU B 128 9.54 -3.19 14.70
N CYS B 129 9.53 -3.09 16.03
CA CYS B 129 9.54 -1.78 16.66
C CYS B 129 10.80 -0.99 16.38
N ARG B 130 11.86 -1.64 15.87
CA ARG B 130 13.07 -0.94 15.51
C ARG B 130 12.94 -0.17 14.20
N THR B 131 11.94 -0.49 13.39
CA THR B 131 11.82 0.08 12.05
C THR B 131 11.37 1.54 12.13
N SER B 132 11.57 2.25 11.02
CA SER B 132 11.08 3.61 10.86
C SER B 132 9.79 3.66 10.04
N ASP B 133 9.40 2.56 9.41
CA ASP B 133 8.21 2.55 8.56
C ASP B 133 6.96 2.86 9.37
N LEU B 134 6.18 3.84 8.92
CA LEU B 134 5.04 4.29 9.71
C LEU B 134 3.96 3.22 9.80
N GLU B 135 3.59 2.61 8.67
CA GLU B 135 2.55 1.58 8.72
C GLU B 135 2.96 0.43 9.62
N THR B 136 4.24 0.02 9.56
CA THR B 136 4.70 -1.06 10.42
C THR B 136 4.57 -0.68 11.89
N LEU B 137 5.08 0.50 12.26
CA LEU B 137 5.01 0.92 13.66
C LEU B 137 3.57 1.08 14.12
N ARG B 138 2.68 1.55 13.24
CA ARG B 138 1.28 1.65 13.60
C ARG B 138 0.69 0.28 13.91
N HIS B 139 1.03 -0.73 13.10
CA HIS B 139 0.62 -2.10 13.40
C HIS B 139 1.19 -2.55 14.74
N CYS B 140 2.47 -2.23 15.00
CA CYS B 140 3.11 -2.61 16.25
C CYS B 140 2.39 -1.99 17.45
N ALA B 141 2.15 -0.67 17.39
CA ALA B 141 1.49 0.00 18.50
C ALA B 141 0.09 -0.57 18.72
N SER B 142 -0.65 -0.82 17.63
CA SER B 142 -1.98 -1.40 17.76
CA SER B 142 -1.98 -1.40 17.76
C SER B 142 -1.93 -2.81 18.29
N ALA B 143 -0.96 -3.61 17.81
CA ALA B 143 -0.82 -4.98 18.30
C ALA B 143 -0.58 -5.00 19.80
N LEU B 144 0.25 -4.07 20.30
CA LEU B 144 0.53 -4.04 21.74
C LEU B 144 -0.69 -3.55 22.53
N ALA B 145 -1.46 -2.62 21.97
CA ALA B 145 -2.72 -2.24 22.61
C ALA B 145 -3.67 -3.42 22.68
N ASN B 146 -3.81 -4.16 21.57
CA ASN B 146 -4.70 -5.32 21.56
C ASN B 146 -4.24 -6.36 22.58
N LEU B 147 -2.95 -6.65 22.60
CA LEU B 147 -2.42 -7.61 23.57
C LEU B 147 -2.69 -7.16 24.99
N SER B 148 -2.54 -5.87 25.27
CA SER B 148 -2.83 -5.37 26.61
C SER B 148 -4.30 -5.57 26.97
N LEU B 149 -5.20 -5.36 26.01
CA LEU B 149 -6.63 -5.45 26.29
C LEU B 149 -7.08 -6.90 26.41
N TYR B 150 -6.52 -7.80 25.58
CA TYR B 150 -6.99 -9.18 25.50
C TYR B 150 -6.12 -10.16 26.28
N GLY B 151 -4.92 -9.76 26.71
CA GLY B 151 -3.96 -10.74 27.20
C GLY B 151 -4.35 -11.33 28.54
N GLY B 152 -4.83 -10.51 29.46
CA GLY B 152 -5.09 -10.96 30.80
C GLY B 152 -3.85 -10.87 31.68
N ALA B 153 -4.04 -11.24 32.95
CA ALA B 153 -2.98 -11.06 33.95
C ALA B 153 -1.73 -11.84 33.58
N GLU B 154 -1.87 -13.13 33.28
CA GLU B 154 -0.69 -13.96 33.02
C GLU B 154 0.13 -13.41 31.86
N ASN B 155 -0.54 -13.01 30.77
CA ASN B 155 0.18 -12.50 29.62
C ASN B 155 0.81 -11.14 29.90
N GLN B 156 0.19 -10.36 30.79
CA GLN B 156 0.78 -9.08 31.15
C GLN B 156 2.08 -9.27 31.93
N GLU B 157 2.10 -10.22 32.87
CA GLU B 157 3.37 -10.59 33.50
C GLU B 157 4.38 -11.04 32.46
N GLU B 158 3.91 -11.71 31.40
CA GLU B 158 4.81 -12.11 30.33
C GLU B 158 5.35 -10.90 29.58
N MET B 159 4.53 -9.88 29.38
CA MET B 159 5.01 -8.65 28.77
CA MET B 159 5.01 -8.65 28.77
C MET B 159 6.06 -7.98 29.63
N ILE B 160 5.94 -8.10 30.95
CA ILE B 160 6.92 -7.52 31.86
C ILE B 160 8.26 -8.22 31.71
N LEU B 161 8.26 -9.55 31.77
CA LEU B 161 9.50 -10.31 31.61
C LEU B 161 10.25 -9.88 30.36
N ARG B 162 9.54 -9.75 29.25
CA ARG B 162 10.15 -9.39 27.97
C ARG B 162 10.40 -7.89 27.83
N LYS B 163 10.14 -7.11 28.88
CA LYS B 163 10.37 -5.67 28.87
C LYS B 163 9.66 -5.01 27.70
N VAL B 164 8.39 -5.39 27.50
CA VAL B 164 7.54 -4.70 26.52
C VAL B 164 7.44 -3.22 26.83
N PRO B 165 7.21 -2.79 28.08
CA PRO B 165 7.14 -1.34 28.35
C PRO B 165 8.32 -0.57 27.79
N MET B 166 9.52 -1.15 27.84
CA MET B 166 10.68 -0.50 27.23
C MET B 166 10.42 -0.19 25.76
N TRP B 167 9.77 -1.10 25.05
CA TRP B 167 9.45 -0.89 23.64
C TRP B 167 8.20 -0.04 23.45
N LEU B 168 7.32 -0.01 24.44
CA LEU B 168 6.07 0.72 24.30
C LEU B 168 6.27 2.23 24.50
N PHE B 169 7.05 2.62 25.51
CA PHE B 169 7.21 4.04 25.81
C PHE B 169 7.76 4.82 24.61
N PRO B 170 8.81 4.37 23.92
CA PRO B 170 9.25 5.12 22.73
C PRO B 170 8.15 5.32 21.70
N LEU B 171 7.27 4.33 21.51
CA LEU B 171 6.17 4.49 20.58
C LEU B 171 5.24 5.60 21.02
N ALA B 172 5.01 5.72 22.33
CA ALA B 172 4.12 6.77 22.83
C ALA B 172 4.63 8.16 22.50
N PHE B 173 5.95 8.34 22.46
CA PHE B 173 6.55 9.64 22.16
C PHE B 173 6.77 9.87 20.67
N HIS B 174 6.32 8.95 19.82
CA HIS B 174 6.49 9.12 18.38
C HIS B 174 5.70 10.32 17.89
N ASN B 175 6.22 10.96 16.84
CA ASN B 175 5.58 12.16 16.31
C ASN B 175 4.26 11.85 15.61
N ASP B 176 4.11 10.64 15.09
CA ASP B 176 2.89 10.26 14.39
C ASP B 176 1.75 10.04 15.39
N ASP B 177 0.59 10.65 15.10
CA ASP B 177 -0.51 10.62 16.06
C ASP B 177 -1.07 9.22 16.26
N ASN B 178 -1.08 8.39 15.22
CA ASN B 178 -1.65 7.06 15.35
C ASN B 178 -0.73 6.11 16.10
N ILE B 179 0.58 6.23 15.91
CA ILE B 179 1.52 5.45 16.72
C ILE B 179 1.40 5.88 18.18
N LYS B 180 1.44 7.19 18.43
CA LYS B 180 1.29 7.70 19.78
C LYS B 180 0.00 7.22 20.43
N TYR B 181 -1.12 7.34 19.70
CA TYR B 181 -2.42 7.10 20.30
C TYR B 181 -2.54 5.66 20.79
N TYR B 182 -2.21 4.69 19.94
CA TYR B 182 -2.41 3.30 20.33
C TYR B 182 -1.36 2.83 21.32
N ALA B 183 -0.15 3.38 21.26
CA ALA B 183 0.81 3.13 22.35
C ALA B 183 0.26 3.66 23.67
N CYS B 184 -0.31 4.87 23.65
CA CYS B 184 -0.86 5.43 24.88
C CYS B 184 -2.07 4.62 25.36
N LEU B 185 -2.87 4.11 24.45
CA LEU B 185 -3.97 3.23 24.84
C LEU B 185 -3.45 1.99 25.54
N ALA B 186 -2.41 1.36 24.97
CA ALA B 186 -1.80 0.21 25.62
C ALA B 186 -1.34 0.57 27.03
N ILE B 187 -0.70 1.73 27.17
CA ILE B 187 -0.21 2.15 28.48
C ILE B 187 -1.37 2.40 29.44
N ALA B 188 -2.43 3.04 28.96
CA ALA B 188 -3.59 3.32 29.81
C ALA B 188 -4.25 2.03 30.29
N VAL B 189 -4.21 0.98 29.48
CA VAL B 189 -4.76 -0.30 29.92
C VAL B 189 -3.82 -0.97 30.92
N LEU B 190 -2.51 -0.89 30.68
CA LEU B 190 -1.55 -1.59 31.52
C LEU B 190 -1.36 -0.95 32.89
N VAL B 191 -1.63 0.35 33.03
CA VAL B 191 -1.44 0.99 34.32
C VAL B 191 -2.35 0.39 35.38
N ALA B 192 -3.42 -0.29 34.96
CA ALA B 192 -4.25 -1.01 35.92
C ALA B 192 -3.49 -2.16 36.56
N ASN B 193 -2.36 -2.56 35.98
CA ASN B 193 -1.49 -3.57 36.56
C ASN B 193 -0.48 -2.86 37.47
N LYS B 194 -0.56 -3.12 38.78
CA LYS B 194 0.20 -2.32 39.73
C LYS B 194 1.71 -2.49 39.54
N GLU B 195 2.16 -3.66 39.10
CA GLU B 195 3.58 -3.82 38.80
C GLU B 195 4.00 -2.89 37.66
N ILE B 196 3.16 -2.78 36.62
CA ILE B 196 3.49 -1.93 35.48
C ILE B 196 3.21 -0.47 35.78
N GLU B 197 2.28 -0.19 36.69
CA GLU B 197 1.92 1.20 36.98
C GLU B 197 3.16 2.02 37.36
N ALA B 198 4.00 1.46 38.25
CA ALA B 198 5.17 2.20 38.71
C ALA B 198 6.07 2.59 37.54
N GLU B 199 6.30 1.66 36.61
N GLU B 199 6.29 1.66 36.60
CA GLU B 199 7.14 1.97 35.46
CA GLU B 199 7.14 1.97 35.46
C GLU B 199 6.50 3.03 34.57
C GLU B 199 6.51 3.02 34.56
N VAL B 200 5.19 2.96 34.39
CA VAL B 200 4.50 3.94 33.54
C VAL B 200 4.61 5.34 34.14
N LEU B 201 4.41 5.45 35.46
CA LEU B 201 4.49 6.77 36.09
C LEU B 201 5.89 7.35 35.98
N LYS B 202 6.91 6.50 36.09
CA LYS B 202 8.28 6.98 35.95
C LYS B 202 8.56 7.48 34.54
N SER B 203 7.87 6.93 33.53
CA SER B 203 8.13 7.31 32.15
C SER B 203 7.54 8.67 31.80
N GLY B 204 6.45 9.07 32.45
CA GLY B 204 5.77 10.30 32.10
C GLY B 204 4.94 10.22 30.83
N CYS B 205 4.79 9.03 30.25
CA CYS B 205 4.01 8.89 29.02
C CYS B 205 2.59 9.42 29.20
N LEU B 206 1.99 9.19 30.37
CA LEU B 206 0.61 9.62 30.58
C LEU B 206 0.46 11.13 30.45
N ASP B 207 1.55 11.89 30.60
CA ASP B 207 1.49 13.33 30.39
C ASP B 207 1.26 13.70 28.93
N LEU B 208 1.36 12.74 28.01
CA LEU B 208 1.07 12.99 26.60
C LEU B 208 -0.42 13.04 26.31
N VAL B 209 -1.26 12.60 27.24
CA VAL B 209 -2.69 12.42 26.94
C VAL B 209 -3.38 13.77 26.79
N GLU B 210 -3.24 14.65 27.80
CA GLU B 210 -3.98 15.91 27.75
C GLU B 210 -3.62 16.74 26.52
N PRO B 211 -2.34 16.92 26.17
CA PRO B 211 -2.06 17.64 24.91
C PRO B 211 -2.74 17.02 23.70
N PHE B 212 -2.80 15.69 23.63
CA PHE B 212 -3.36 15.04 22.46
C PHE B 212 -4.86 15.25 22.37
N VAL B 213 -5.59 14.93 23.44
CA VAL B 213 -7.05 14.96 23.37
C VAL B 213 -7.58 16.37 23.22
N THR B 214 -6.88 17.36 23.79
CA THR B 214 -7.33 18.74 23.69
C THR B 214 -6.97 19.38 22.35
N SER B 215 -6.07 18.77 21.58
CA SER B 215 -5.68 19.30 20.28
C SER B 215 -6.23 18.48 19.12
N HIS B 216 -6.97 17.41 19.40
CA HIS B 216 -7.50 16.53 18.36
C HIS B 216 -9.00 16.44 18.48
N ASP B 217 -9.69 16.74 17.39
CA ASP B 217 -11.12 16.54 17.31
C ASP B 217 -11.41 15.05 17.12
N PRO B 218 -12.21 14.42 17.99
CA PRO B 218 -12.43 12.97 17.84
C PRO B 218 -12.92 12.59 16.44
N SER B 219 -13.74 13.44 15.82
CA SER B 219 -14.25 13.14 14.48
C SER B 219 -13.12 13.18 13.44
N ALA B 220 -12.23 14.17 13.55
CA ALA B 220 -11.15 14.29 12.58
C ALA B 220 -10.13 13.16 12.72
N PHE B 221 -9.84 12.76 13.96
CA PHE B 221 -8.87 11.69 14.17
C PHE B 221 -9.37 10.36 13.63
N ALA B 222 -10.70 10.17 13.61
CA ALA B 222 -11.25 8.92 13.08
C ALA B 222 -10.92 8.75 11.60
N ARG B 223 -10.94 9.85 10.84
CA ARG B 223 -10.67 9.79 9.42
C ARG B 223 -9.18 9.77 9.08
N SER B 224 -8.31 9.94 10.07
CA SER B 224 -6.89 10.08 9.77
C SER B 224 -6.25 8.78 9.31
N ASN B 225 -6.78 7.64 9.74
CA ASN B 225 -6.21 6.34 9.40
C ASN B 225 -7.30 5.42 8.88
N LEU B 226 -7.14 4.93 7.65
CA LEU B 226 -8.11 4.01 7.08
C LEU B 226 -8.18 2.71 7.87
N ALA B 227 -7.05 2.29 8.47
CA ALA B 227 -7.02 1.02 9.19
C ALA B 227 -7.98 1.00 10.37
N HIS B 228 -8.47 2.16 10.81
CA HIS B 228 -9.42 2.22 11.91
C HIS B 228 -10.56 3.21 11.64
N ALA B 229 -10.79 3.56 10.37
CA ALA B 229 -11.86 4.50 10.04
C ALA B 229 -13.22 3.99 10.49
N HIS B 230 -13.36 2.69 10.71
CA HIS B 230 -14.64 2.10 11.11
C HIS B 230 -14.69 1.79 12.60
N GLY B 231 -13.66 2.16 13.36
CA GLY B 231 -13.66 1.91 14.79
C GLY B 231 -13.39 0.46 15.12
N GLN B 232 -13.44 0.16 16.42
CA GLN B 232 -13.16 -1.17 16.94
C GLN B 232 -14.46 -1.96 17.12
N SER B 233 -14.30 -3.26 17.32
CA SER B 233 -15.45 -4.13 17.51
C SER B 233 -16.00 -3.98 18.92
N LYS B 234 -17.20 -4.52 19.13
CA LYS B 234 -17.83 -4.43 20.44
C LYS B 234 -17.06 -5.19 21.50
N HIS B 235 -16.43 -6.32 21.13
CA HIS B 235 -15.64 -7.07 22.10
C HIS B 235 -14.40 -6.29 22.51
N TRP B 236 -13.78 -5.59 21.56
CA TRP B 236 -12.65 -4.72 21.87
C TRP B 236 -13.09 -3.60 22.80
N LEU B 237 -14.20 -2.94 22.47
CA LEU B 237 -14.68 -1.83 23.28
C LEU B 237 -15.15 -2.30 24.65
N LYS B 238 -15.71 -3.51 24.74
CA LYS B 238 -16.08 -4.07 26.03
C LYS B 238 -14.89 -4.09 26.99
N ARG B 239 -13.73 -4.52 26.50
CA ARG B 239 -12.54 -4.60 27.34
C ARG B 239 -11.97 -3.24 27.69
N LEU B 240 -12.38 -2.19 26.98
CA LEU B 240 -11.90 -0.85 27.29
C LEU B 240 -12.77 -0.12 28.30
N VAL B 241 -14.01 -0.55 28.49
CA VAL B 241 -14.94 0.14 29.39
C VAL B 241 -14.33 0.33 30.77
N PRO B 242 -13.64 -0.67 31.34
CA PRO B 242 -13.05 -0.48 32.68
C PRO B 242 -12.08 0.68 32.76
N VAL B 243 -11.43 1.06 31.66
CA VAL B 243 -10.49 2.17 31.70
C VAL B 243 -11.21 3.48 31.97
N LEU B 244 -12.54 3.55 31.73
CA LEU B 244 -13.28 4.76 32.06
C LEU B 244 -13.26 5.04 33.55
N SER B 245 -13.11 4.01 34.38
CA SER B 245 -12.97 4.15 35.82
C SER B 245 -11.54 3.85 36.27
N SER B 246 -10.56 4.19 35.43
CA SER B 246 -9.17 3.86 35.71
C SER B 246 -8.66 4.57 36.96
N ASN B 247 -7.63 3.98 37.57
CA ASN B 247 -6.97 4.61 38.70
C ASN B 247 -6.38 5.96 38.32
N ARG B 248 -5.91 6.10 37.09
CA ARG B 248 -5.21 7.31 36.65
C ARG B 248 -6.14 8.19 35.83
N GLU B 249 -6.18 9.48 36.17
CA GLU B 249 -7.05 10.42 35.47
C GLU B 249 -6.71 10.50 33.99
N GLU B 250 -5.42 10.41 33.66
CA GLU B 250 -5.02 10.50 32.25
C GLU B 250 -5.60 9.36 31.45
N ALA B 251 -5.64 8.16 32.02
CA ALA B 251 -6.24 7.03 31.32
C ALA B 251 -7.72 7.24 31.10
N ARG B 252 -8.43 7.76 32.11
CA ARG B 252 -9.85 8.06 31.95
C ARG B 252 -10.07 9.04 30.80
N ASN B 253 -9.23 10.08 30.72
CA ASN B 253 -9.35 11.04 29.63
C ASN B 253 -9.24 10.35 28.27
N LEU B 254 -8.20 9.51 28.11
CA LEU B 254 -8.00 8.85 26.82
C LEU B 254 -9.14 7.91 26.48
N ALA B 255 -9.62 7.14 27.46
CA ALA B 255 -10.75 6.25 27.21
C ALA B 255 -12.00 7.03 26.86
N ALA B 256 -12.26 8.12 27.58
CA ALA B 256 -13.41 8.96 27.24
C ALA B 256 -13.29 9.51 25.83
N PHE B 257 -12.10 9.98 25.47
CA PHE B 257 -11.86 10.43 24.09
C PHE B 257 -12.17 9.32 23.10
N HIS B 258 -11.75 8.10 23.39
CA HIS B 258 -11.94 7.03 22.42
C HIS B 258 -13.41 6.67 22.28
N PHE B 259 -14.15 6.62 23.39
CA PHE B 259 -15.57 6.31 23.30
C PHE B 259 -16.33 7.43 22.61
N CYS B 260 -15.88 8.68 22.76
CA CYS B 260 -16.49 9.77 22.01
C CYS B 260 -16.25 9.61 20.52
N MET B 261 -15.01 9.26 20.13
CA MET B 261 -14.72 8.99 18.72
C MET B 261 -15.57 7.83 18.21
N GLU B 262 -15.64 6.74 18.98
CA GLU B 262 -16.40 5.57 18.54
C GLU B 262 -17.88 5.89 18.39
N ALA B 263 -18.43 6.68 19.31
CA ALA B 263 -19.85 7.05 19.21
C ALA B 263 -20.13 7.75 17.89
N GLY B 264 -19.24 8.64 17.46
CA GLY B 264 -19.43 9.29 16.19
C GLY B 264 -19.31 8.35 15.01
N ILE B 265 -18.33 7.44 15.06
CA ILE B 265 -18.19 6.45 14.00
C ILE B 265 -19.41 5.55 13.94
N LYS B 266 -19.87 5.08 15.10
CA LYS B 266 -20.98 4.14 15.13
C LYS B 266 -22.30 4.82 14.79
N ARG B 267 -22.46 6.09 15.14
CA ARG B 267 -23.66 6.80 14.75
C ARG B 267 -23.77 6.90 13.23
N GLU B 268 -22.67 7.24 12.56
CA GLU B 268 -22.67 7.29 11.11
C GLU B 268 -22.93 5.92 10.49
N GLN B 269 -22.64 4.84 11.21
CA GLN B 269 -22.94 3.50 10.74
C GLN B 269 -24.34 3.03 11.12
N GLY B 270 -24.91 3.58 12.19
CA GLY B 270 -26.20 3.13 12.67
C GLY B 270 -26.15 1.99 13.65
N ASN B 271 -25.06 1.84 14.39
CA ASN B 271 -24.88 0.76 15.36
C ASN B 271 -24.54 1.37 16.72
N THR B 272 -25.54 1.97 17.37
CA THR B 272 -25.33 2.59 18.67
C THR B 272 -25.67 1.68 19.84
N ASP B 273 -26.47 0.62 19.62
CA ASP B 273 -26.82 -0.26 20.71
C ASP B 273 -25.68 -1.20 21.10
N ILE B 274 -24.55 -1.17 20.38
CA ILE B 274 -23.39 -1.90 20.88
C ILE B 274 -22.96 -1.31 22.22
N PHE B 275 -23.10 0.01 22.38
CA PHE B 275 -22.76 0.64 23.64
C PHE B 275 -23.71 0.20 24.75
N ARG B 276 -24.96 -0.10 24.41
CA ARG B 276 -25.84 -0.76 25.37
C ARG B 276 -25.40 -2.21 25.57
N GLU B 277 -25.08 -2.91 24.48
CA GLU B 277 -24.74 -4.32 24.56
C GLU B 277 -23.53 -4.56 25.44
N ILE B 278 -22.52 -3.69 25.35
CA ILE B 278 -21.32 -3.84 26.16
C ILE B 278 -21.43 -3.17 27.52
N ASN B 279 -22.62 -2.63 27.84
CA ASN B 279 -22.85 -2.00 29.15
C ASN B 279 -21.87 -0.85 29.39
N ALA B 280 -21.78 0.04 28.40
CA ALA B 280 -20.95 1.23 28.49
C ALA B 280 -21.74 2.50 28.77
N ILE B 281 -23.08 2.44 28.72
CA ILE B 281 -23.89 3.64 28.94
C ILE B 281 -23.71 4.14 30.37
N GLU B 282 -23.93 3.27 31.35
CA GLU B 282 -23.81 3.69 32.75
C GLU B 282 -22.39 4.16 33.07
N ALA B 283 -21.38 3.53 32.46
CA ALA B 283 -20.01 3.99 32.67
C ALA B 283 -19.82 5.40 32.11
N LEU B 284 -20.35 5.67 30.92
CA LEU B 284 -20.20 6.99 30.32
C LEU B 284 -21.00 8.04 31.08
N LYS B 285 -22.23 7.72 31.48
CA LYS B 285 -22.98 8.63 32.34
C LYS B 285 -22.21 8.90 33.62
N ASN B 286 -21.52 7.89 34.15
CA ASN B 286 -20.69 8.10 35.33
C ASN B 286 -19.61 9.15 35.06
N VAL B 287 -19.00 9.10 33.87
CA VAL B 287 -17.95 10.06 33.53
C VAL B 287 -18.54 11.41 33.19
N ALA B 288 -19.69 11.43 32.50
CA ALA B 288 -20.29 12.69 32.07
C ALA B 288 -20.60 13.61 33.24
N SER B 289 -20.68 13.08 34.46
CA SER B 289 -20.98 13.88 35.64
C SER B 289 -19.81 13.97 36.61
N CYS B 290 -18.68 13.33 36.30
CA CYS B 290 -17.53 13.38 37.18
C CYS B 290 -16.94 14.79 37.21
N PRO B 291 -16.10 15.09 38.21
CA PRO B 291 -15.49 16.42 38.25
C PRO B 291 -14.53 16.69 37.09
N ASN B 292 -13.84 15.67 36.58
CA ASN B 292 -12.88 15.85 35.50
C ASN B 292 -13.54 16.43 34.26
N ALA B 293 -13.18 17.68 33.93
CA ALA B 293 -13.87 18.38 32.84
C ALA B 293 -13.53 17.78 31.48
N ILE B 294 -12.27 17.40 31.27
CA ILE B 294 -11.86 16.87 29.97
C ILE B 294 -12.66 15.60 29.65
N ALA B 295 -12.61 14.61 30.55
CA ALA B 295 -13.31 13.35 30.29
C ALA B 295 -14.82 13.54 30.29
N SER B 296 -15.33 14.43 31.14
N SER B 296 -15.34 14.45 31.12
CA SER B 296 -16.77 14.65 31.20
CA SER B 296 -16.79 14.62 31.19
C SER B 296 -17.31 15.10 29.85
C SER B 296 -17.35 15.14 29.87
N LYS B 297 -16.68 16.10 29.24
CA LYS B 297 -17.17 16.63 27.97
C LYS B 297 -17.11 15.56 26.87
N PHE B 298 -16.05 14.75 26.86
CA PHE B 298 -15.99 13.66 25.89
C PHE B 298 -17.09 12.63 26.15
N ALA B 299 -17.33 12.30 27.42
CA ALA B 299 -18.38 11.34 27.75
C ALA B 299 -19.76 11.92 27.43
N ALA B 300 -19.97 13.20 27.70
CA ALA B 300 -21.26 13.82 27.38
C ALA B 300 -21.50 13.83 25.88
N GLN B 301 -20.48 14.19 25.09
CA GLN B 301 -20.63 14.19 23.64
C GLN B 301 -20.89 12.77 23.12
N ALA B 302 -20.22 11.78 23.70
CA ALA B 302 -20.46 10.39 23.31
C ALA B 302 -21.93 10.02 23.50
N LEU B 303 -22.48 10.36 24.67
CA LEU B 303 -23.87 9.99 24.97
C LEU B 303 -24.84 10.71 24.04
N ARG B 304 -24.54 11.94 23.65
CA ARG B 304 -25.38 12.63 22.68
C ARG B 304 -25.34 11.92 21.33
N LEU B 305 -24.14 11.49 20.91
CA LEU B 305 -24.02 10.75 19.65
C LEU B 305 -24.66 9.37 19.77
N ILE B 306 -24.66 8.78 20.95
CA ILE B 306 -25.30 7.49 21.15
C ILE B 306 -26.82 7.66 21.19
N GLY B 307 -27.31 8.50 22.08
CA GLY B 307 -28.73 8.74 22.25
C GLY B 307 -29.49 8.87 20.95
#